data_5K67
#
_entry.id   5K67
#
_cell.length_a   57.720
_cell.length_b   57.720
_cell.length_c   183.460
_cell.angle_alpha   90.00
_cell.angle_beta   90.00
_cell.angle_gamma   90.00
#
_symmetry.space_group_name_H-M   'I 41 2 2'
#
loop_
_entity.id
_entity.type
_entity.pdbx_description
1 polymer Streptavidin
2 non-polymer [CuII(biot-pr-dpea)]2+
3 non-polymer GLYCEROL
4 water water
#
_entity_poly.entity_id   1
_entity_poly.type   'polypeptide(L)'
_entity_poly.pdbx_seq_one_letter_code
;MASMTGGQQMGRDEAGITGTWYNQLGSTFIVTAGADGALTGTYESAVGNAESRYVLTGRYDSAPATDGSGTALGWTVAWK
NNYRNAHSATTWSGQYVGGAEARINTQWLLTCGTTEANAWKSTLVGHDTFTKVKPSAASIDAAKKAGVNNGNPLDAVQQ
;
_entity_poly.pdbx_strand_id   A
#
# COMPACT_ATOMS: atom_id res chain seq x y z
N ARG A 12 -3.64 19.06 -2.65
CA ARG A 12 -2.73 18.36 -1.72
C ARG A 12 -3.61 17.68 -0.66
N ASP A 13 -3.40 16.37 -0.56
CA ASP A 13 -4.22 15.52 0.29
C ASP A 13 -3.35 14.95 1.35
N GLU A 14 -2.40 15.78 1.80
CA GLU A 14 -1.36 15.37 2.73
C GLU A 14 -2.06 14.89 4.02
N ALA A 15 -2.94 15.76 4.55
CA ALA A 15 -3.72 15.41 5.74
C ALA A 15 -4.75 14.31 5.48
N GLY A 16 -5.48 14.39 4.34
CA GLY A 16 -6.38 13.30 3.83
C GLY A 16 -5.79 11.89 3.84
N ILE A 17 -4.56 11.78 3.37
CA ILE A 17 -3.87 10.49 3.28
C ILE A 17 -3.24 10.01 4.58
N THR A 18 -2.66 10.95 5.35
CA THR A 18 -1.89 10.63 6.56
C THR A 18 -2.85 10.01 7.57
N GLY A 19 -2.47 8.86 8.11
CA GLY A 19 -3.23 8.18 9.18
C GLY A 19 -3.34 6.69 8.96
N THR A 20 -4.38 6.10 9.55
CA THR A 20 -4.49 4.65 9.62
C THR A 20 -5.60 4.23 8.69
N TRP A 21 -5.32 3.22 7.86
CA TRP A 21 -6.22 2.67 6.89
C TRP A 21 -6.37 1.17 7.00
N TYR A 22 -7.56 0.64 6.60
CA TYR A 22 -7.90 -0.80 6.76
C TYR A 22 -8.42 -1.33 5.44
N ASN A 23 -8.03 -2.52 5.09
CA ASN A 23 -8.53 -3.05 3.79
C ASN A 23 -9.55 -4.16 4.01
N GLN A 24 -10.04 -4.69 2.91
CA GLN A 24 -11.07 -5.75 2.98
C GLN A 24 -10.64 -7.09 3.60
N LEU A 25 -9.35 -7.31 3.76
CA LEU A 25 -8.84 -8.54 4.32
C LEU A 25 -8.55 -8.35 5.82
N GLY A 26 -8.69 -7.12 6.32
CA GLY A 26 -8.42 -6.80 7.69
C GLY A 26 -7.03 -6.36 7.96
N SER A 27 -6.23 -6.06 6.93
CA SER A 27 -4.92 -5.47 7.08
C SER A 27 -4.99 -4.02 7.50
N THR A 28 -3.94 -3.56 8.17
CA THR A 28 -3.71 -2.15 8.61
C THR A 28 -2.51 -1.48 7.97
N PHE A 29 -2.73 -0.33 7.41
CA PHE A 29 -1.78 0.46 6.65
C PHE A 29 -1.73 1.79 7.46
N ILE A 30 -0.56 2.14 8.02
CA ILE A 30 -0.37 3.37 8.75
C ILE A 30 0.66 4.15 7.97
N VAL A 31 0.26 5.35 7.53
CA VAL A 31 1.10 6.18 6.65
C VAL A 31 1.19 7.66 7.01
N THR A 32 2.36 8.26 6.73
CA THR A 32 2.51 9.73 6.81
C THR A 32 2.86 10.23 5.42
N ALA A 33 2.09 11.18 4.93
CA ALA A 33 2.32 11.80 3.61
C ALA A 33 3.11 13.12 3.85
N GLY A 34 4.25 13.24 3.19
CA GLY A 34 5.10 14.42 3.20
C GLY A 34 4.62 15.52 2.23
N ALA A 35 4.95 16.80 2.49
CA ALA A 35 4.53 17.92 1.59
C ALA A 35 5.11 17.77 0.13
N ASP A 36 6.28 17.12 0.00
CA ASP A 36 7.00 16.81 -1.28
C ASP A 36 6.27 15.72 -2.14
N GLY A 37 5.63 14.77 -1.51
CA GLY A 37 5.11 13.55 -2.21
C GLY A 37 5.52 12.28 -1.56
N ALA A 38 6.25 12.35 -0.42
CA ALA A 38 6.71 11.11 0.24
C ALA A 38 5.58 10.42 0.99
N LEU A 39 5.62 9.08 1.01
CA LEU A 39 4.82 8.22 1.88
C LEU A 39 5.72 7.32 2.67
N THR A 40 5.51 7.25 3.97
CA THR A 40 6.34 6.39 4.81
C THR A 40 5.41 5.86 5.89
N GLY A 41 5.69 4.65 6.38
CA GLY A 41 4.77 4.06 7.32
C GLY A 41 5.05 2.65 7.61
N THR A 42 3.99 2.00 8.04
CA THR A 42 4.04 0.57 8.36
C THR A 42 2.80 -0.13 7.82
N TYR A 43 3.00 -1.42 7.48
CA TYR A 43 1.95 -2.30 6.98
C TYR A 43 1.93 -3.51 7.84
N GLU A 44 0.74 -3.89 8.28
CA GLU A 44 0.52 -5.17 8.94
C GLU A 44 -0.52 -5.99 8.12
N SER A 45 -0.10 -7.13 7.58
CA SER A 45 -1.02 -8.01 6.84
C SER A 45 -1.79 -8.98 7.67
N ALA A 46 -3.10 -9.03 7.46
CA ALA A 46 -3.94 -10.04 8.06
C ALA A 46 -3.80 -11.43 7.48
N VAL A 47 -3.16 -11.55 6.33
CA VAL A 47 -3.05 -12.88 5.66
C VAL A 47 -1.61 -13.07 5.23
N GLY A 48 -1.29 -14.32 4.89
CA GLY A 48 0.00 -14.67 4.28
C GLY A 48 1.07 -14.93 5.27
N ASN A 49 2.30 -14.97 4.77
CA ASN A 49 3.49 -15.28 5.54
C ASN A 49 4.05 -13.95 6.07
N ALA A 50 3.38 -13.48 7.10
CA ALA A 50 3.63 -12.19 7.67
C ALA A 50 3.17 -12.09 9.13
N GLU A 51 3.90 -11.37 9.95
CA GLU A 51 3.47 -11.10 11.32
C GLU A 51 4.07 -9.76 11.74
N SER A 52 3.22 -8.99 12.40
CA SER A 52 3.59 -7.71 12.97
C SER A 52 3.79 -6.68 11.82
N ARG A 53 4.49 -5.56 12.09
CA ARG A 53 4.68 -4.47 11.17
C ARG A 53 5.87 -4.56 10.25
N TYR A 54 5.70 -4.05 9.03
CA TYR A 54 6.72 -4.05 8.00
C TYR A 54 6.82 -2.61 7.50
N VAL A 55 8.04 -2.21 7.18
CA VAL A 55 8.27 -0.85 6.71
C VAL A 55 7.64 -0.72 5.36
N LEU A 56 7.03 0.42 5.10
CA LEU A 56 6.64 0.73 3.76
C LEU A 56 7.09 2.12 3.37
N THR A 57 7.37 2.29 2.08
CA THR A 57 7.68 3.59 1.56
C THR A 57 7.00 3.79 0.21
N GLY A 58 6.63 5.01 -0.14
CA GLY A 58 6.08 5.24 -1.42
C GLY A 58 6.05 6.70 -1.83
N ARG A 59 5.20 6.96 -2.79
CA ARG A 59 5.03 8.31 -3.40
C ARG A 59 3.55 8.63 -3.75
N TYR A 60 3.15 9.92 -3.67
CA TYR A 60 1.84 10.34 -4.10
C TYR A 60 2.00 11.66 -4.79
N ASP A 61 1.05 11.92 -5.64
CA ASP A 61 0.91 13.21 -6.38
C ASP A 61 0.43 14.26 -5.39
N SER A 62 1.34 15.16 -4.97
CA SER A 62 1.05 16.22 -3.99
C SER A 62 0.29 17.42 -4.55
N ALA A 63 0.02 17.46 -5.84
CA ALA A 63 -0.75 18.59 -6.44
C ALA A 63 -1.65 17.98 -7.50
N PRO A 64 -2.70 17.24 -7.08
CA PRO A 64 -3.63 16.56 -8.05
C PRO A 64 -4.42 17.53 -8.91
N ALA A 65 -5.09 17.04 -9.93
CA ALA A 65 -6.00 17.86 -10.69
C ALA A 65 -7.16 18.25 -9.75
N THR A 66 -7.85 19.35 -10.02
CA THR A 66 -8.94 19.85 -9.15
C THR A 66 -10.28 19.63 -9.82
N ASP A 67 -10.32 18.69 -10.72
CA ASP A 67 -11.45 18.49 -11.59
C ASP A 67 -12.30 17.30 -11.09
N GLY A 68 -12.17 16.97 -9.81
CA GLY A 68 -12.76 15.75 -9.21
C GLY A 68 -12.01 14.44 -9.35
N SER A 69 -10.87 14.45 -9.99
CA SER A 69 -10.07 13.23 -10.16
C SER A 69 -9.46 12.81 -8.80
N GLY A 70 -9.20 11.53 -8.62
CA GLY A 70 -8.49 11.04 -7.47
C GLY A 70 -7.02 11.44 -7.50
N THR A 71 -6.31 11.08 -6.45
CA THR A 71 -4.85 11.38 -6.27
C THR A 71 -4.01 10.12 -6.42
N ALA A 72 -3.19 10.05 -7.48
CA ALA A 72 -2.38 8.85 -7.72
C ALA A 72 -1.37 8.69 -6.63
N LEU A 73 -1.14 7.45 -6.28
CA LEU A 73 -0.18 7.09 -5.29
C LEU A 73 0.25 5.61 -5.45
N GLY A 74 1.33 5.26 -4.78
CA GLY A 74 1.83 3.90 -4.73
C GLY A 74 2.82 3.71 -3.59
N TRP A 75 3.01 2.48 -3.14
CA TRP A 75 3.97 2.16 -2.11
C TRP A 75 4.40 0.70 -2.21
N THR A 76 5.52 0.38 -1.55
CA THR A 76 6.10 -0.95 -1.54
C THR A 76 6.32 -1.44 -0.12
N VAL A 77 6.03 -2.70 0.12
CA VAL A 77 6.47 -3.47 1.30
C VAL A 77 7.32 -4.65 0.81
N ALA A 78 8.53 -4.73 1.32
CA ALA A 78 9.33 -5.95 1.34
C ALA A 78 9.00 -6.74 2.61
N TRP A 79 8.62 -8.01 2.46
CA TRP A 79 8.15 -8.82 3.55
C TRP A 79 9.28 -9.47 4.40
N LYS A 80 10.20 -8.61 4.84
CA LYS A 80 11.20 -8.93 5.85
C LYS A 80 11.05 -7.95 6.99
N ASN A 81 10.98 -8.47 8.21
CA ASN A 81 11.16 -7.65 9.41
C ASN A 81 11.93 -8.45 10.43
N ASN A 82 11.88 -8.08 11.70
CA ASN A 82 12.61 -8.89 12.75
C ASN A 82 12.05 -10.19 13.10
N TYR A 83 10.87 -10.48 12.66
CA TYR A 83 10.18 -11.72 12.99
C TYR A 83 10.17 -12.76 11.87
N ARG A 84 10.16 -12.32 10.60
CA ARG A 84 9.92 -13.24 9.42
C ARG A 84 10.58 -12.68 8.18
N ASN A 85 10.99 -13.55 7.28
CA ASN A 85 11.40 -13.03 5.97
C ASN A 85 10.74 -13.95 4.93
N ALA A 86 9.74 -13.44 4.23
CA ALA A 86 8.99 -14.21 3.20
C ALA A 86 9.52 -14.03 1.77
N HIS A 87 10.71 -13.44 1.64
CA HIS A 87 11.43 -13.30 0.39
C HIS A 87 10.51 -12.86 -0.74
N SER A 88 9.92 -11.71 -0.50
CA SER A 88 8.87 -11.24 -1.41
C SER A 88 8.64 -9.79 -1.21
N ALA A 89 7.93 -9.16 -2.16
CA ALA A 89 7.63 -7.71 -2.04
C ALA A 89 6.32 -7.43 -2.74
N THR A 90 5.46 -6.65 -2.12
CA THR A 90 4.23 -6.21 -2.76
C THR A 90 4.31 -4.73 -3.06
N THR A 91 3.83 -4.32 -4.23
CA THR A 91 3.64 -2.90 -4.54
C THR A 91 2.18 -2.65 -4.82
N TRP A 92 1.61 -1.62 -4.23
CA TRP A 92 0.24 -1.18 -4.49
C TRP A 92 0.28 0.07 -5.26
N SER A 93 -0.50 0.11 -6.34
CA SER A 93 -0.61 1.27 -7.17
C SER A 93 -2.12 1.62 -7.24
N GLY A 94 -2.45 2.89 -7.09
CA GLY A 94 -3.84 3.27 -6.92
C GLY A 94 -4.11 4.77 -6.84
N GLN A 95 -5.28 5.11 -6.29
CA GLN A 95 -5.61 6.51 -6.13
C GLN A 95 -6.48 6.67 -4.88
N TYR A 96 -6.14 7.73 -4.16
CA TYR A 96 -6.90 8.27 -2.97
C TYR A 96 -8.04 9.10 -3.48
N VAL A 97 -9.23 8.78 -3.00
CA VAL A 97 -10.46 9.55 -3.29
C VAL A 97 -11.02 10.07 -1.99
N GLY A 98 -11.18 11.39 -1.87
CA GLY A 98 -11.63 12.03 -0.57
C GLY A 98 -13.16 12.11 -0.39
N GLY A 99 -13.61 12.91 0.56
CA GLY A 99 -15.08 13.09 0.77
C GLY A 99 -15.51 12.06 1.79
N ALA A 100 -16.81 11.91 2.00
CA ALA A 100 -17.26 11.43 3.31
C ALA A 100 -17.04 9.92 3.50
N GLU A 101 -17.14 9.16 2.40
CA GLU A 101 -16.71 7.75 2.36
C GLU A 101 -15.30 7.70 1.66
N ALA A 102 -14.27 8.33 2.24
CA ALA A 102 -12.88 8.33 1.67
C ALA A 102 -12.25 6.95 1.52
N ARG A 103 -11.65 6.72 0.37
CA ARG A 103 -11.15 5.37 0.01
C ARG A 103 -9.75 5.53 -0.63
N ILE A 104 -8.94 4.48 -0.46
CA ILE A 104 -7.76 4.27 -1.30
C ILE A 104 -8.03 2.97 -2.11
N ASN A 105 -8.15 3.10 -3.43
CA ASN A 105 -8.45 1.99 -4.34
C ASN A 105 -7.18 1.62 -5.01
N THR A 106 -6.77 0.38 -4.82
CA THR A 106 -5.52 -0.13 -5.39
C THR A 106 -5.64 -1.46 -6.14
N GLN A 107 -4.61 -1.65 -6.99
CA GLN A 107 -4.26 -2.97 -7.54
C GLN A 107 -2.85 -3.20 -7.05
N TRP A 108 -2.49 -4.43 -6.81
CA TRP A 108 -1.16 -4.75 -6.32
C TRP A 108 -0.47 -5.90 -7.07
N LEU A 109 0.86 -5.92 -7.04
CA LEU A 109 1.71 -7.00 -7.54
C LEU A 109 2.60 -7.46 -6.43
N LEU A 110 2.53 -8.75 -6.12
CA LEU A 110 3.38 -9.36 -5.14
C LEU A 110 4.36 -10.31 -5.86
N THR A 111 5.65 -9.95 -5.87
CA THR A 111 6.67 -10.79 -6.48
C THR A 111 7.46 -11.58 -5.41
N CYS A 112 7.60 -12.91 -5.57
CA CYS A 112 8.48 -13.68 -4.71
C CYS A 112 9.84 -13.87 -5.38
N GLY A 113 10.93 -13.86 -4.63
CA GLY A 113 12.21 -14.29 -5.20
C GLY A 113 12.08 -15.78 -5.61
N THR A 114 12.49 -16.11 -6.84
CA THR A 114 12.40 -17.47 -7.36
C THR A 114 13.67 -17.79 -8.11
N THR A 115 13.83 -19.08 -8.41
CA THR A 115 14.81 -19.58 -9.41
C THR A 115 14.31 -19.10 -10.80
N GLU A 116 15.22 -19.00 -11.79
CA GLU A 116 14.82 -18.57 -13.13
C GLU A 116 13.83 -19.63 -13.73
N ALA A 117 14.05 -20.92 -13.48
CA ALA A 117 13.07 -21.97 -13.76
C ALA A 117 11.64 -21.66 -13.34
N ASN A 118 11.46 -21.08 -12.15
CA ASN A 118 10.11 -20.82 -11.65
C ASN A 118 9.65 -19.36 -11.79
N ALA A 119 10.36 -18.56 -12.57
CA ALA A 119 10.03 -17.12 -12.64
C ALA A 119 8.62 -16.87 -13.19
N TRP A 120 8.12 -17.81 -13.99
CA TRP A 120 6.83 -17.64 -14.68
C TRP A 120 5.71 -17.66 -13.63
N LYS A 121 5.97 -18.20 -12.43
CA LYS A 121 4.96 -18.26 -11.33
C LYS A 121 5.41 -17.40 -10.11
N SER A 122 6.20 -16.37 -10.39
CA SER A 122 6.71 -15.51 -9.30
C SER A 122 5.72 -14.41 -8.79
N THR A 123 4.74 -14.03 -9.60
CA THR A 123 4.02 -12.80 -9.38
C THR A 123 2.53 -12.98 -9.24
N LEU A 124 2.00 -12.63 -8.04
CA LEU A 124 0.52 -12.54 -7.80
C LEU A 124 0.01 -11.12 -8.09
N VAL A 125 -1.21 -11.05 -8.62
CA VAL A 125 -1.87 -9.77 -8.85
C VAL A 125 -3.20 -9.81 -8.05
N GLY A 126 -3.55 -8.68 -7.42
CA GLY A 126 -4.87 -8.53 -6.71
C GLY A 126 -5.24 -7.03 -6.60
N HIS A 127 -6.29 -6.79 -5.81
CA HIS A 127 -6.84 -5.45 -5.59
C HIS A 127 -7.30 -5.31 -4.17
N ASP A 128 -6.94 -4.19 -3.53
CA ASP A 128 -7.27 -3.89 -2.15
C ASP A 128 -7.98 -2.54 -2.12
N THR A 129 -9.10 -2.46 -1.40
CA THR A 129 -9.74 -1.20 -1.05
C THR A 129 -9.56 -0.96 0.38
N PHE A 130 -8.98 0.20 0.65
CA PHE A 130 -8.74 0.74 2.00
C PHE A 130 -9.75 1.84 2.36
N THR A 131 -10.13 1.75 3.63
CA THR A 131 -10.96 2.77 4.23
C THR A 131 -10.40 3.20 5.56
N LYS A 132 -10.91 4.34 6.07
CA LYS A 132 -10.54 4.87 7.36
C LYS A 132 -11.25 4.17 8.50
N VAL A 133 -12.30 3.39 8.20
CA VAL A 133 -13.08 2.73 9.24
C VAL A 133 -13.11 1.18 9.03
N LYS A 134 -13.29 0.40 10.12
CA LYS A 134 -13.63 -1.07 10.14
C LYS A 134 -12.85 -1.67 11.27
#